data_1JTH
#
_entry.id   1JTH
#
_cell.length_a   59.400
_cell.length_b   65.780
_cell.length_c   80.100
_cell.angle_alpha   90.00
_cell.angle_beta   99.50
_cell.angle_gamma   90.00
#
_symmetry.space_group_name_H-M   'C 1 2 1'
#
loop_
_entity.id
_entity.type
_entity.pdbx_description
1 polymer SNAP25
2 polymer 'syntaxin 1a'
3 water water
#
loop_
_entity_poly.entity_id
_entity_poly.type
_entity_poly.pdbx_seq_one_letter_code
_entity_poly.pdbx_strand_id
1 'polypeptide(L)'
;MAEDADMRNELEEMQRRADQLADESLESTRRMLQLVEESKDAGIRTLVMLDEQGEQLERIEEGMDQINKDMKEAEKNLTD
LG
;
A,C
2 'polypeptide(L)' ALSEIETRHSEIIKLENSIRELHDMFMDMAMLVESQGEMIDRIEYNVEHAVDYVERAVSDTKKAVKYQSKARRKKIM B,D
#
# COMPACT_ATOMS: atom_id res chain seq x y z
N LEU A 11 -39.55 21.27 25.19
CA LEU A 11 -38.73 21.56 23.98
C LEU A 11 -37.32 21.96 24.37
N GLU A 12 -37.03 21.92 25.67
CA GLU A 12 -35.72 22.26 26.17
C GLU A 12 -34.81 21.04 26.11
N GLU A 13 -35.34 19.90 26.56
CA GLU A 13 -34.58 18.66 26.54
C GLU A 13 -34.30 18.24 25.10
N MET A 14 -35.14 18.69 24.18
CA MET A 14 -34.96 18.35 22.77
C MET A 14 -33.77 19.13 22.20
N GLN A 15 -33.74 20.43 22.43
CA GLN A 15 -32.65 21.26 21.95
C GLN A 15 -31.38 20.72 22.61
N ARG A 16 -31.56 20.16 23.80
CA ARG A 16 -30.47 19.59 24.57
C ARG A 16 -29.91 18.36 23.86
N ARG A 17 -30.80 17.50 23.37
CA ARG A 17 -30.39 16.29 22.65
C ARG A 17 -29.72 16.65 21.34
N ALA A 18 -30.40 17.46 20.54
CA ALA A 18 -29.87 17.86 19.23
C ALA A 18 -28.46 18.40 19.39
N ASP A 19 -28.24 19.20 20.43
CA ASP A 19 -26.93 19.77 20.68
C ASP A 19 -25.92 18.70 21.08
N GLN A 20 -26.40 17.68 21.78
CA GLN A 20 -25.54 16.59 22.20
C GLN A 20 -25.10 15.78 20.98
N LEU A 21 -26.04 15.50 20.09
CA LEU A 21 -25.76 14.74 18.88
C LEU A 21 -24.83 15.52 17.96
N ALA A 22 -25.06 16.82 17.88
CA ALA A 22 -24.25 17.68 17.04
C ALA A 22 -22.82 17.67 17.57
N ASP A 23 -22.66 17.70 18.89
CA ASP A 23 -21.32 17.69 19.47
C ASP A 23 -20.66 16.33 19.18
N GLU A 24 -21.44 15.25 19.30
CA GLU A 24 -20.88 13.92 19.03
C GLU A 24 -20.44 13.84 17.56
N SER A 25 -21.30 14.30 16.66
CA SER A 25 -21.00 14.29 15.23
C SER A 25 -19.72 15.05 14.92
N LEU A 26 -19.47 16.12 15.67
CA LEU A 26 -18.27 16.92 15.47
C LEU A 26 -17.05 16.17 15.99
N GLU A 27 -17.15 15.62 17.20
CA GLU A 27 -16.01 14.89 17.75
C GLU A 27 -15.68 13.71 16.82
N SER A 28 -16.72 13.05 16.31
CA SER A 28 -16.50 11.92 15.41
C SER A 28 -15.73 12.40 14.18
N THR A 29 -16.18 13.51 13.62
CA THR A 29 -15.52 14.06 12.45
C THR A 29 -14.06 14.42 12.74
N ARG A 30 -13.78 14.97 13.92
CA ARG A 30 -12.41 15.32 14.25
C ARG A 30 -11.55 14.07 14.44
N ARG A 31 -12.13 13.02 15.01
CA ARG A 31 -11.40 11.77 15.17
C ARG A 31 -11.11 11.21 13.78
N MET A 32 -12.08 11.29 12.88
CA MET A 32 -11.87 10.79 11.52
C MET A 32 -10.76 11.56 10.82
N LEU A 33 -10.68 12.86 11.08
CA LEU A 33 -9.62 13.68 10.51
C LEU A 33 -8.25 13.20 10.98
N GLN A 34 -8.16 12.83 12.25
CA GLN A 34 -6.90 12.34 12.83
C GLN A 34 -6.47 11.02 12.19
N LEU A 35 -7.44 10.12 12.05
CA LEU A 35 -7.16 8.82 11.46
C LEU A 35 -6.74 8.99 10.02
N VAL A 36 -7.45 9.83 9.28
CA VAL A 36 -7.11 10.05 7.88
C VAL A 36 -5.71 10.67 7.73
N GLU A 37 -5.35 11.56 8.63
CA GLU A 37 -4.04 12.17 8.56
C GLU A 37 -2.96 11.10 8.69
N GLU A 38 -3.04 10.25 9.71
CA GLU A 38 -2.01 9.22 9.86
C GLU A 38 -2.05 8.28 8.67
N SER A 39 -3.24 8.00 8.15
CA SER A 39 -3.34 7.11 7.00
C SER A 39 -2.62 7.72 5.79
N LYS A 40 -2.75 9.03 5.61
CA LYS A 40 -2.09 9.68 4.47
C LYS A 40 -0.57 9.62 4.60
N ASP A 41 -0.07 9.77 5.83
CA ASP A 41 1.37 9.72 6.06
C ASP A 41 1.88 8.33 5.68
N ALA A 42 1.15 7.30 6.09
CA ALA A 42 1.53 5.92 5.76
C ALA A 42 1.40 5.72 4.26
N GLY A 43 0.33 6.24 3.67
CA GLY A 43 0.16 6.11 2.24
C GLY A 43 1.34 6.69 1.50
N ILE A 44 1.76 7.89 1.91
CA ILE A 44 2.89 8.55 1.28
C ILE A 44 4.18 7.74 1.44
N ARG A 45 4.44 7.24 2.64
CA ARG A 45 5.65 6.45 2.88
C ARG A 45 5.64 5.19 2.01
N THR A 46 4.47 4.57 1.92
CA THR A 46 4.29 3.33 1.16
C THR A 46 4.52 3.51 -0.33
N LEU A 47 3.97 4.59 -0.87
CA LEU A 47 4.11 4.86 -2.29
C LEU A 47 5.57 5.16 -2.60
N VAL A 48 6.24 5.90 -1.72
CA VAL A 48 7.63 6.22 -1.93
C VAL A 48 8.45 4.93 -1.89
N MET A 49 8.13 4.03 -0.96
CA MET A 49 8.86 2.77 -0.89
C MET A 49 8.63 1.98 -2.18
N LEU A 50 7.37 1.88 -2.61
CA LEU A 50 7.07 1.13 -3.83
C LEU A 50 7.85 1.69 -5.02
N ASP A 51 7.92 3.01 -5.16
CA ASP A 51 8.68 3.59 -6.26
C ASP A 51 10.15 3.15 -6.15
N GLU A 52 10.70 3.18 -4.94
CA GLU A 52 12.08 2.78 -4.75
C GLU A 52 12.22 1.31 -5.13
N GLN A 53 11.32 0.50 -4.59
CA GLN A 53 11.32 -0.93 -4.87
C GLN A 53 11.22 -1.24 -6.36
N GLY A 54 10.51 -0.38 -7.08
CA GLY A 54 10.35 -0.57 -8.51
C GLY A 54 11.69 -0.43 -9.20
N GLU A 55 12.48 0.54 -8.77
CA GLU A 55 13.78 0.75 -9.37
C GLU A 55 14.73 -0.40 -9.03
N GLN A 56 14.63 -0.92 -7.82
CA GLN A 56 15.52 -2.01 -7.44
C GLN A 56 15.18 -3.27 -8.21
N LEU A 57 13.90 -3.48 -8.48
CA LEU A 57 13.50 -4.67 -9.20
C LEU A 57 13.96 -4.58 -10.66
N GLU A 58 14.07 -3.37 -11.18
CA GLU A 58 14.54 -3.17 -12.55
C GLU A 58 16.02 -3.54 -12.64
N ARG A 59 16.76 -3.22 -11.59
CA ARG A 59 18.19 -3.52 -11.55
C ARG A 59 18.35 -5.03 -11.35
N ILE A 60 17.49 -5.59 -10.51
CA ILE A 60 17.54 -7.02 -10.26
C ILE A 60 17.29 -7.74 -11.59
N GLU A 61 16.32 -7.28 -12.38
CA GLU A 61 16.04 -7.93 -13.66
C GLU A 61 17.19 -7.78 -14.66
N GLU A 62 17.82 -6.61 -14.73
CA GLU A 62 18.93 -6.42 -15.65
C GLU A 62 20.07 -7.32 -15.21
N GLY A 63 20.26 -7.41 -13.90
CA GLY A 63 21.31 -8.24 -13.36
C GLY A 63 21.14 -9.70 -13.74
N MET A 64 19.94 -10.23 -13.54
CA MET A 64 19.68 -11.62 -13.88
C MET A 64 19.91 -11.88 -15.37
N ASP A 65 19.71 -10.85 -16.20
CA ASP A 65 19.93 -11.02 -17.63
C ASP A 65 21.42 -11.21 -17.86
N GLN A 66 22.23 -10.44 -17.15
CA GLN A 66 23.68 -10.55 -17.30
C GLN A 66 24.20 -11.90 -16.85
N ILE A 67 23.76 -12.36 -15.68
CA ILE A 67 24.19 -13.67 -15.16
C ILE A 67 23.81 -14.76 -16.15
N ASN A 68 22.55 -14.73 -16.59
CA ASN A 68 22.04 -15.71 -17.53
C ASN A 68 22.78 -15.67 -18.87
N LYS A 69 23.21 -14.48 -19.26
CA LYS A 69 23.90 -14.31 -20.54
C LYS A 69 25.36 -14.75 -20.49
N ASP A 70 26.11 -14.23 -19.52
CA ASP A 70 27.52 -14.57 -19.38
C ASP A 70 27.76 -16.05 -19.08
N MET A 71 26.76 -16.69 -18.46
CA MET A 71 26.86 -18.12 -18.15
C MET A 71 26.82 -18.91 -19.46
N LYS A 72 25.99 -18.47 -20.41
CA LYS A 72 25.88 -19.14 -21.70
C LYS A 72 27.16 -18.98 -22.51
N ALA B 1 -25.10 29.03 17.27
CA ALA B 1 -26.05 28.48 16.25
C ALA B 1 -25.41 28.41 14.87
N LEU B 2 -25.31 29.56 14.21
CA LEU B 2 -24.74 29.59 12.87
C LEU B 2 -23.25 29.24 12.85
N SER B 3 -22.48 29.79 13.78
CA SER B 3 -21.04 29.50 13.82
C SER B 3 -20.78 28.00 13.95
N GLU B 4 -21.56 27.33 14.80
CA GLU B 4 -21.39 25.89 15.01
C GLU B 4 -21.75 25.09 13.76
N ILE B 5 -22.88 25.44 13.15
CA ILE B 5 -23.33 24.76 11.94
C ILE B 5 -22.27 24.92 10.86
N GLU B 6 -21.64 26.09 10.83
CA GLU B 6 -20.61 26.37 9.83
C GLU B 6 -19.38 25.50 10.07
N THR B 7 -18.96 25.39 11.33
CA THR B 7 -17.78 24.61 11.70
C THR B 7 -17.95 23.11 11.41
N ARG B 8 -19.11 22.55 11.75
CA ARG B 8 -19.38 21.14 11.51
C ARG B 8 -19.39 20.85 10.01
N HIS B 9 -19.97 21.77 9.25
CA HIS B 9 -20.01 21.63 7.80
C HIS B 9 -18.59 21.68 7.27
N SER B 10 -17.85 22.69 7.69
CA SER B 10 -16.47 22.87 7.26
C SER B 10 -15.59 21.65 7.55
N GLU B 11 -15.73 21.08 8.74
CA GLU B 11 -14.95 19.90 9.11
C GLU B 11 -15.27 18.71 8.21
N ILE B 12 -16.55 18.49 7.94
CA ILE B 12 -16.97 17.38 7.09
C ILE B 12 -16.41 17.52 5.67
N ILE B 13 -16.42 18.74 5.12
CA ILE B 13 -15.89 18.96 3.77
C ILE B 13 -14.40 18.72 3.73
N LYS B 14 -13.71 19.18 4.77
CA LYS B 14 -12.27 19.02 4.88
C LYS B 14 -11.95 17.52 4.95
N LEU B 15 -12.85 16.75 5.54
CA LEU B 15 -12.65 15.32 5.67
C LEU B 15 -12.85 14.65 4.31
N GLU B 16 -13.91 15.03 3.60
CA GLU B 16 -14.17 14.46 2.30
C GLU B 16 -12.99 14.70 1.34
N ASN B 17 -12.37 15.88 1.43
CA ASN B 17 -11.25 16.21 0.56
C ASN B 17 -10.04 15.36 0.87
N SER B 18 -9.85 15.14 2.16
CA SER B 18 -8.74 14.33 2.66
C SER B 18 -9.00 12.85 2.27
N ILE B 19 -10.26 12.43 2.36
CA ILE B 19 -10.60 11.05 2.02
C ILE B 19 -10.49 10.79 0.50
N ARG B 20 -10.61 11.85 -0.29
CA ARG B 20 -10.48 11.70 -1.73
C ARG B 20 -9.01 11.46 -2.06
N GLU B 21 -8.11 12.12 -1.32
CA GLU B 21 -6.68 11.96 -1.55
C GLU B 21 -6.23 10.56 -1.14
N LEU B 22 -6.85 10.03 -0.10
CA LEU B 22 -6.52 8.70 0.42
C LEU B 22 -7.01 7.65 -0.60
N HIS B 23 -8.21 7.88 -1.15
CA HIS B 23 -8.76 6.96 -2.15
C HIS B 23 -7.78 6.89 -3.31
N ASP B 24 -7.31 8.05 -3.76
CA ASP B 24 -6.37 8.08 -4.86
C ASP B 24 -5.07 7.34 -4.52
N MET B 25 -4.59 7.49 -3.28
CA MET B 25 -3.36 6.80 -2.87
C MET B 25 -3.51 5.30 -3.00
N PHE B 26 -4.66 4.77 -2.61
CA PHE B 26 -4.89 3.33 -2.68
C PHE B 26 -5.02 2.86 -4.12
N MET B 27 -5.69 3.65 -4.94
CA MET B 27 -5.85 3.32 -6.36
C MET B 27 -4.48 3.27 -6.99
N ASP B 28 -3.66 4.29 -6.72
CA ASP B 28 -2.32 4.32 -7.28
C ASP B 28 -1.48 3.19 -6.72
N MET B 29 -1.74 2.81 -5.47
CA MET B 29 -0.96 1.74 -4.86
C MET B 29 -1.23 0.42 -5.59
N ALA B 30 -2.51 0.11 -5.79
CA ALA B 30 -2.88 -1.12 -6.47
C ALA B 30 -2.27 -1.14 -7.88
N MET B 31 -2.22 0.02 -8.54
CA MET B 31 -1.64 0.06 -9.88
C MET B 31 -0.16 -0.30 -9.85
N LEU B 32 0.60 0.37 -8.98
CA LEU B 32 2.03 0.10 -8.84
C LEU B 32 2.32 -1.35 -8.43
N VAL B 33 1.55 -1.84 -7.47
CA VAL B 33 1.76 -3.20 -7.00
C VAL B 33 1.52 -4.24 -8.09
N GLU B 34 0.48 -4.04 -8.90
CA GLU B 34 0.19 -5.01 -9.96
C GLU B 34 1.31 -4.98 -10.99
N SER B 35 1.79 -3.79 -11.31
CA SER B 35 2.87 -3.65 -12.28
C SER B 35 4.17 -4.30 -11.79
N GLN B 36 4.50 -4.08 -10.53
CA GLN B 36 5.72 -4.66 -9.99
C GLN B 36 5.59 -6.17 -9.87
N GLY B 37 4.33 -6.62 -9.72
CA GLY B 37 4.07 -8.04 -9.64
C GLY B 37 4.43 -8.74 -10.96
N GLU B 38 4.26 -8.05 -12.10
CA GLU B 38 4.60 -8.65 -13.38
C GLU B 38 6.11 -8.71 -13.52
N MET B 39 6.80 -7.72 -12.96
CA MET B 39 8.25 -7.71 -13.03
C MET B 39 8.76 -8.78 -12.10
N ILE B 40 8.05 -9.03 -11.00
CA ILE B 40 8.48 -10.06 -10.07
C ILE B 40 8.31 -11.44 -10.73
N ASP B 41 7.20 -11.63 -11.45
CA ASP B 41 6.97 -12.90 -12.14
C ASP B 41 8.18 -13.24 -13.01
N ARG B 42 8.61 -12.27 -13.81
CA ARG B 42 9.74 -12.46 -14.71
C ARG B 42 11.04 -12.74 -13.95
N ILE B 43 11.32 -11.94 -12.92
CA ILE B 43 12.54 -12.13 -12.15
C ILE B 43 12.55 -13.54 -11.56
N GLU B 44 11.41 -13.97 -11.03
CA GLU B 44 11.29 -15.31 -10.46
C GLU B 44 11.70 -16.33 -11.51
N TYR B 45 11.24 -16.12 -12.74
CA TYR B 45 11.53 -16.99 -13.87
C TYR B 45 13.01 -16.99 -14.22
N ASN B 46 13.61 -15.80 -14.29
CA ASN B 46 15.01 -15.69 -14.62
C ASN B 46 15.87 -16.32 -13.52
N VAL B 47 15.38 -16.27 -12.29
CA VAL B 47 16.13 -16.85 -11.18
C VAL B 47 16.16 -18.38 -11.25
N GLU B 48 15.03 -19.00 -11.55
CA GLU B 48 14.96 -20.46 -11.65
C GLU B 48 15.84 -20.92 -12.81
N HIS B 49 15.81 -20.16 -13.91
CA HIS B 49 16.60 -20.47 -15.09
C HIS B 49 18.08 -20.44 -14.71
N ALA B 50 18.49 -19.41 -13.98
CA ALA B 50 19.88 -19.28 -13.58
C ALA B 50 20.27 -20.40 -12.62
N VAL B 51 19.37 -20.72 -11.70
CA VAL B 51 19.64 -21.77 -10.73
C VAL B 51 20.01 -23.06 -11.45
N ASP B 52 19.22 -23.45 -12.45
CA ASP B 52 19.51 -24.66 -13.21
C ASP B 52 20.85 -24.54 -13.95
N TYR B 53 21.15 -23.37 -14.51
CA TYR B 53 22.40 -23.18 -15.22
C TYR B 53 23.57 -23.34 -14.27
N VAL B 54 23.56 -22.56 -13.19
CA VAL B 54 24.59 -22.61 -12.17
C VAL B 54 24.74 -24.01 -11.57
N GLU B 55 23.60 -24.68 -11.35
CA GLU B 55 23.63 -26.01 -10.76
C GLU B 55 24.33 -27.02 -11.67
N ARG B 56 24.16 -26.86 -12.98
CA ARG B 56 24.80 -27.77 -13.92
C ARG B 56 26.26 -27.38 -14.00
N ALA B 57 26.53 -26.08 -14.02
CA ALA B 57 27.91 -25.58 -14.08
C ALA B 57 28.75 -26.12 -12.94
N VAL B 58 28.19 -26.12 -11.74
CA VAL B 58 28.93 -26.64 -10.60
C VAL B 58 29.04 -28.17 -10.71
N SER B 59 28.00 -28.82 -11.22
CA SER B 59 28.03 -30.27 -11.39
C SER B 59 29.16 -30.64 -12.35
N ASP B 60 29.27 -29.89 -13.44
CA ASP B 60 30.33 -30.15 -14.42
C ASP B 60 31.68 -30.11 -13.74
N THR B 61 31.95 -29.03 -13.02
CA THR B 61 33.23 -28.85 -12.35
C THR B 61 33.47 -29.90 -11.27
N LYS B 62 32.40 -30.35 -10.63
CA LYS B 62 32.51 -31.36 -9.57
C LYS B 62 32.91 -32.70 -10.19
N LYS B 63 32.30 -33.02 -11.34
CA LYS B 63 32.62 -34.25 -12.05
C LYS B 63 34.08 -34.20 -12.47
N ALA B 64 34.47 -33.10 -13.09
CA ALA B 64 35.85 -32.92 -13.53
C ALA B 64 36.80 -33.21 -12.38
N VAL B 65 36.65 -32.49 -11.29
CA VAL B 65 37.50 -32.69 -10.12
C VAL B 65 37.56 -34.16 -9.77
N LYS B 66 36.40 -34.82 -9.77
CA LYS B 66 36.32 -36.23 -9.44
C LYS B 66 37.27 -37.10 -10.27
N TYR B 67 37.38 -36.81 -11.57
CA TYR B 67 38.25 -37.57 -12.47
C TYR B 67 39.53 -36.81 -12.82
N GLU C 10 -33.99 38.00 4.80
CA GLU C 10 -32.63 37.67 5.34
C GLU C 10 -32.68 36.45 6.27
N LEU C 11 -33.46 36.56 7.34
CA LEU C 11 -33.58 35.47 8.29
C LEU C 11 -34.03 34.21 7.55
N GLU C 12 -34.94 34.39 6.60
CA GLU C 12 -35.44 33.27 5.81
C GLU C 12 -34.28 32.70 5.00
N GLU C 13 -33.42 33.57 4.49
CA GLU C 13 -32.28 33.15 3.70
C GLU C 13 -31.24 32.42 4.55
N MET C 14 -31.01 32.92 5.76
CA MET C 14 -30.05 32.30 6.66
C MET C 14 -30.48 30.86 6.92
N GLN C 15 -31.79 30.65 7.08
CA GLN C 15 -32.31 29.31 7.31
C GLN C 15 -32.11 28.49 6.05
N ARG C 16 -32.15 29.17 4.91
CA ARG C 16 -31.94 28.50 3.63
C ARG C 16 -30.50 27.99 3.64
N ARG C 17 -29.58 28.84 4.09
CA ARG C 17 -28.17 28.47 4.17
C ARG C 17 -28.00 27.26 5.09
N ALA C 18 -28.57 27.36 6.29
CA ALA C 18 -28.50 26.28 7.27
C ALA C 18 -28.95 24.96 6.66
N ASP C 19 -30.12 24.96 6.03
CA ASP C 19 -30.65 23.75 5.40
C ASP C 19 -29.75 23.35 4.25
N GLN C 20 -29.06 24.34 3.68
CA GLN C 20 -28.14 24.11 2.56
C GLN C 20 -26.91 23.34 3.06
N LEU C 21 -26.27 23.89 4.08
CA LEU C 21 -25.08 23.27 4.65
C LEU C 21 -25.39 21.90 5.25
N ALA C 22 -26.47 21.82 6.01
CA ALA C 22 -26.88 20.57 6.65
C ALA C 22 -27.07 19.47 5.60
N ASP C 23 -27.71 19.84 4.49
CA ASP C 23 -27.95 18.87 3.43
C ASP C 23 -26.64 18.52 2.74
N GLU C 24 -25.78 19.51 2.54
CA GLU C 24 -24.49 19.27 1.90
C GLU C 24 -23.63 18.32 2.75
N SER C 25 -23.71 18.48 4.06
CA SER C 25 -22.95 17.64 4.98
C SER C 25 -23.38 16.19 4.85
N LEU C 26 -24.68 15.95 4.80
CA LEU C 26 -25.20 14.60 4.68
C LEU C 26 -24.74 13.94 3.38
N GLU C 27 -24.78 14.70 2.29
CA GLU C 27 -24.38 14.19 0.99
C GLU C 27 -22.89 13.95 0.90
N SER C 28 -22.11 14.80 1.56
CA SER C 28 -20.66 14.66 1.59
C SER C 28 -20.37 13.36 2.32
N THR C 29 -21.07 13.18 3.44
CA THR C 29 -20.94 11.98 4.26
C THR C 29 -21.29 10.72 3.47
N ARG C 30 -22.35 10.81 2.68
CA ARG C 30 -22.80 9.69 1.87
C ARG C 30 -21.80 9.39 0.75
N ARG C 31 -21.12 10.43 0.26
CA ARG C 31 -20.13 10.25 -0.78
C ARG C 31 -18.89 9.61 -0.17
N MET C 32 -18.54 10.06 1.03
CA MET C 32 -17.37 9.52 1.73
C MET C 32 -17.56 8.02 1.97
N LEU C 33 -18.76 7.62 2.36
CA LEU C 33 -19.02 6.23 2.59
C LEU C 33 -18.69 5.43 1.34
N GLN C 34 -18.96 6.02 0.17
CA GLN C 34 -18.70 5.37 -1.11
C GLN C 34 -17.21 5.30 -1.46
N LEU C 35 -16.52 6.43 -1.33
CA LEU C 35 -15.08 6.49 -1.62
C LEU C 35 -14.27 5.56 -0.72
N VAL C 36 -14.71 5.44 0.52
CA VAL C 36 -14.05 4.61 1.50
C VAL C 36 -14.23 3.15 1.17
N GLU C 37 -15.42 2.81 0.67
CA GLU C 37 -15.72 1.44 0.30
C GLU C 37 -14.87 1.06 -0.92
N GLU C 38 -14.73 2.00 -1.85
CA GLU C 38 -13.93 1.74 -3.03
C GLU C 38 -12.46 1.59 -2.63
N SER C 39 -12.00 2.44 -1.72
CA SER C 39 -10.62 2.38 -1.25
C SER C 39 -10.31 1.05 -0.61
N LYS C 40 -11.23 0.59 0.23
CA LYS C 40 -11.08 -0.68 0.94
C LYS C 40 -10.92 -1.85 -0.02
N ASP C 41 -11.80 -1.93 -1.02
CA ASP C 41 -11.73 -3.01 -2.00
C ASP C 41 -10.37 -2.96 -2.71
N ALA C 42 -9.94 -1.75 -3.06
CA ALA C 42 -8.66 -1.59 -3.73
C ALA C 42 -7.57 -2.07 -2.77
N GLY C 43 -7.70 -1.71 -1.49
CA GLY C 43 -6.70 -2.10 -0.51
C GLY C 43 -6.62 -3.61 -0.32
N ILE C 44 -7.77 -4.26 -0.43
CA ILE C 44 -7.82 -5.71 -0.28
C ILE C 44 -7.17 -6.37 -1.50
N ARG C 45 -7.49 -5.88 -2.70
CA ARG C 45 -6.90 -6.46 -3.91
C ARG C 45 -5.38 -6.33 -3.79
N THR C 46 -4.95 -5.17 -3.33
CA THR C 46 -3.53 -4.89 -3.15
C THR C 46 -2.91 -5.84 -2.15
N LEU C 47 -3.59 -6.07 -1.03
CA LEU C 47 -3.10 -6.98 -0.01
C LEU C 47 -2.93 -8.39 -0.60
N VAL C 48 -3.92 -8.82 -1.37
CA VAL C 48 -3.88 -10.14 -2.00
C VAL C 48 -2.61 -10.23 -2.86
N MET C 49 -2.41 -9.24 -3.72
CA MET C 49 -1.24 -9.21 -4.58
C MET C 49 0.07 -9.20 -3.78
N LEU C 50 0.14 -8.37 -2.73
CA LEU C 50 1.35 -8.26 -1.92
C LEU C 50 1.71 -9.58 -1.23
N ASP C 51 0.69 -10.35 -0.89
CA ASP C 51 0.88 -11.64 -0.23
C ASP C 51 1.55 -12.64 -1.18
N GLU C 52 1.05 -12.70 -2.41
CA GLU C 52 1.59 -13.61 -3.40
C GLU C 52 3.02 -13.20 -3.73
N GLN C 53 3.23 -11.89 -3.90
CA GLN C 53 4.55 -11.38 -4.22
C GLN C 53 5.58 -11.69 -3.13
N GLY C 54 5.15 -11.61 -1.87
CA GLY C 54 6.03 -11.89 -0.76
C GLY C 54 6.60 -13.31 -0.84
N GLU C 55 5.78 -14.26 -1.28
CA GLU C 55 6.21 -15.64 -1.39
C GLU C 55 7.13 -15.79 -2.60
N GLN C 56 6.79 -15.09 -3.67
CA GLN C 56 7.61 -15.13 -4.87
C GLN C 56 8.98 -14.57 -4.51
N LEU C 57 8.99 -13.49 -3.73
CA LEU C 57 10.24 -12.90 -3.32
C LEU C 57 11.07 -13.83 -2.45
N GLU C 58 10.41 -14.68 -1.67
CA GLU C 58 11.12 -15.64 -0.81
C GLU C 58 11.86 -16.67 -1.66
N ARG C 59 11.20 -17.17 -2.71
CA ARG C 59 11.82 -18.15 -3.61
C ARG C 59 12.96 -17.47 -4.35
N ILE C 60 12.71 -16.25 -4.79
CA ILE C 60 13.75 -15.50 -5.50
C ILE C 60 14.99 -15.45 -4.62
N GLU C 61 14.80 -15.03 -3.36
CA GLU C 61 15.91 -14.92 -2.43
C GLU C 61 16.59 -16.28 -2.22
N GLU C 62 15.78 -17.32 -2.13
CA GLU C 62 16.30 -18.66 -1.93
C GLU C 62 17.10 -19.11 -3.14
N GLY C 63 16.64 -18.74 -4.33
CA GLY C 63 17.34 -19.11 -5.54
C GLY C 63 18.68 -18.41 -5.62
N MET C 64 18.71 -17.13 -5.23
CA MET C 64 19.94 -16.36 -5.26
C MET C 64 20.96 -16.91 -4.29
N ASP C 65 20.49 -17.45 -3.17
CA ASP C 65 21.41 -18.02 -2.20
C ASP C 65 22.12 -19.21 -2.86
N GLN C 66 21.34 -20.06 -3.51
CA GLN C 66 21.88 -21.22 -4.20
C GLN C 66 22.86 -20.79 -5.28
N ILE C 67 22.49 -19.78 -6.05
CA ILE C 67 23.34 -19.29 -7.13
C ILE C 67 24.72 -18.88 -6.64
N ASN C 68 24.75 -18.08 -5.58
CA ASN C 68 26.01 -17.61 -5.02
C ASN C 68 26.77 -18.75 -4.34
N LYS C 69 26.04 -19.77 -3.93
CA LYS C 69 26.65 -20.92 -3.28
C LYS C 69 27.35 -21.77 -4.35
N ASP C 70 26.59 -22.18 -5.35
CA ASP C 70 27.13 -22.98 -6.44
C ASP C 70 28.23 -22.28 -7.20
N MET C 71 28.07 -20.97 -7.39
CA MET C 71 29.08 -20.20 -8.11
C MET C 71 30.40 -20.23 -7.36
N LYS C 72 30.35 -20.11 -6.04
CA LYS C 72 31.57 -20.13 -5.23
C LYS C 72 32.23 -21.50 -5.32
N GLU C 73 31.40 -22.53 -5.27
CA GLU C 73 31.88 -23.91 -5.35
C GLU C 73 32.51 -24.15 -6.72
N ALA C 74 31.79 -23.77 -7.77
CA ALA C 74 32.30 -23.93 -9.13
C ALA C 74 33.66 -23.24 -9.26
N GLU C 75 33.71 -21.97 -8.87
CA GLU C 75 34.96 -21.20 -8.93
C GLU C 75 36.04 -21.91 -8.13
N LYS C 76 35.67 -22.51 -7.01
CA LYS C 76 36.62 -23.24 -6.18
C LYS C 76 37.13 -24.43 -6.98
N ASN C 77 36.21 -25.24 -7.47
CA ASN C 77 36.56 -26.42 -8.25
C ASN C 77 37.47 -26.09 -9.42
N LEU C 78 37.18 -24.98 -10.11
CA LEU C 78 38.00 -24.58 -11.25
C LEU C 78 39.45 -24.31 -10.83
N ILE D 5 -30.49 15.76 11.96
CA ILE D 5 -29.38 15.67 12.95
C ILE D 5 -29.16 14.23 13.41
N GLU D 6 -30.26 13.52 13.69
CA GLU D 6 -30.18 12.15 14.14
C GLU D 6 -29.68 11.21 13.04
N THR D 7 -30.02 11.53 11.79
CA THR D 7 -29.59 10.72 10.66
C THR D 7 -28.15 11.07 10.28
N ARG D 8 -27.85 12.36 10.24
CA ARG D 8 -26.51 12.81 9.91
C ARG D 8 -25.50 12.17 10.88
N HIS D 9 -25.83 12.21 12.16
CA HIS D 9 -25.00 11.63 13.22
C HIS D 9 -24.86 10.14 12.96
N SER D 10 -25.97 9.52 12.58
CA SER D 10 -25.99 8.09 12.31
C SER D 10 -25.10 7.75 11.12
N GLU D 11 -25.10 8.62 10.12
CA GLU D 11 -24.28 8.40 8.92
C GLU D 11 -22.82 8.68 9.27
N ILE D 12 -22.60 9.62 10.17
CA ILE D 12 -21.23 9.96 10.56
C ILE D 12 -20.61 8.84 11.40
N ILE D 13 -21.39 8.28 12.31
CA ILE D 13 -20.89 7.21 13.17
C ILE D 13 -20.53 6.00 12.33
N LYS D 14 -21.30 5.76 11.27
CA LYS D 14 -21.02 4.63 10.40
C LYS D 14 -19.76 4.89 9.58
N LEU D 15 -19.59 6.12 9.13
CA LEU D 15 -18.42 6.47 8.35
C LEU D 15 -17.19 6.29 9.24
N GLU D 16 -17.31 6.70 10.51
CA GLU D 16 -16.17 6.53 11.42
C GLU D 16 -15.75 5.07 11.45
N ASN D 17 -16.73 4.16 11.41
CA ASN D 17 -16.43 2.73 11.45
C ASN D 17 -15.63 2.31 10.23
N SER D 18 -16.01 2.80 9.06
CA SER D 18 -15.28 2.42 7.86
C SER D 18 -13.92 3.12 7.78
N ILE D 19 -13.84 4.36 8.26
CA ILE D 19 -12.56 5.08 8.22
C ILE D 19 -11.57 4.40 9.18
N ARG D 20 -12.07 3.92 10.32
CA ARG D 20 -11.20 3.20 11.24
C ARG D 20 -10.61 2.00 10.48
N GLU D 21 -11.48 1.25 9.79
CA GLU D 21 -11.01 0.08 9.04
C GLU D 21 -10.01 0.45 7.96
N LEU D 22 -10.28 1.52 7.23
CA LEU D 22 -9.38 1.94 6.16
C LEU D 22 -8.03 2.35 6.75
N HIS D 23 -8.05 3.14 7.82
CA HIS D 23 -6.81 3.56 8.49
C HIS D 23 -5.97 2.33 8.86
N ASP D 24 -6.57 1.43 9.63
CA ASP D 24 -5.86 0.24 10.05
C ASP D 24 -5.27 -0.49 8.84
N MET D 25 -6.04 -0.55 7.76
CA MET D 25 -5.57 -1.20 6.55
C MET D 25 -4.38 -0.46 5.93
N PHE D 26 -4.39 0.87 6.01
CA PHE D 26 -3.28 1.66 5.48
C PHE D 26 -2.02 1.41 6.29
N MET D 27 -2.17 1.32 7.61
CA MET D 27 -1.03 1.10 8.49
C MET D 27 -0.42 -0.30 8.29
N ASP D 28 -1.26 -1.32 8.13
CA ASP D 28 -0.74 -2.66 7.92
C ASP D 28 -0.09 -2.78 6.55
N MET D 29 -0.62 -2.05 5.57
CA MET D 29 -0.08 -2.06 4.21
C MET D 29 1.36 -1.54 4.21
N ALA D 30 1.57 -0.39 4.86
CA ALA D 30 2.89 0.22 4.95
C ALA D 30 3.93 -0.75 5.54
N MET D 31 3.54 -1.50 6.57
CA MET D 31 4.45 -2.45 7.19
C MET D 31 4.78 -3.60 6.28
N LEU D 32 3.80 -4.07 5.52
CA LEU D 32 4.01 -5.17 4.59
C LEU D 32 5.01 -4.73 3.55
N VAL D 33 4.73 -3.60 2.92
CA VAL D 33 5.61 -3.08 1.89
C VAL D 33 7.04 -2.90 2.39
N GLU D 34 7.17 -2.49 3.65
CA GLU D 34 8.50 -2.29 4.22
C GLU D 34 9.24 -3.61 4.42
N SER D 35 8.53 -4.63 4.89
CA SER D 35 9.17 -5.93 5.12
C SER D 35 9.65 -6.46 3.77
N GLN D 36 8.80 -6.35 2.74
CA GLN D 36 9.18 -6.83 1.43
C GLN D 36 10.36 -6.02 0.91
N GLY D 37 10.44 -4.77 1.34
CA GLY D 37 11.55 -3.93 0.93
C GLY D 37 12.86 -4.49 1.46
N GLU D 38 12.82 -5.12 2.63
CA GLU D 38 14.02 -5.71 3.23
C GLU D 38 14.50 -6.84 2.35
N MET D 39 13.58 -7.69 1.91
CA MET D 39 13.93 -8.81 1.05
C MET D 39 14.54 -8.35 -0.26
N ILE D 40 13.87 -7.39 -0.89
CA ILE D 40 14.34 -6.86 -2.16
C ILE D 40 15.74 -6.29 -1.99
N ASP D 41 15.97 -5.60 -0.88
CA ASP D 41 17.29 -5.05 -0.60
C ASP D 41 18.31 -6.19 -0.66
N ARG D 42 18.00 -7.29 0.04
CA ARG D 42 18.90 -8.43 0.06
C ARG D 42 19.04 -9.06 -1.32
N ILE D 43 17.92 -9.16 -2.03
CA ILE D 43 17.91 -9.74 -3.38
C ILE D 43 18.82 -8.93 -4.28
N GLU D 44 18.64 -7.61 -4.28
CA GLU D 44 19.45 -6.73 -5.11
C GLU D 44 20.93 -6.92 -4.82
N TYR D 45 21.25 -7.18 -3.55
CA TYR D 45 22.63 -7.36 -3.13
C TYR D 45 23.15 -8.70 -3.64
N ASN D 46 22.46 -9.77 -3.27
CA ASN D 46 22.83 -11.11 -3.69
C ASN D 46 22.99 -11.20 -5.22
N VAL D 47 22.27 -10.34 -5.94
CA VAL D 47 22.33 -10.35 -7.40
C VAL D 47 23.57 -9.61 -7.87
N GLU D 48 23.97 -8.57 -7.15
CA GLU D 48 25.16 -7.82 -7.52
C GLU D 48 26.36 -8.73 -7.36
N HIS D 49 26.35 -9.55 -6.30
CA HIS D 49 27.44 -10.47 -6.00
C HIS D 49 27.39 -11.73 -6.84
N ALA D 50 26.40 -11.81 -7.73
CA ALA D 50 26.27 -12.96 -8.60
C ALA D 50 26.76 -12.50 -9.96
N VAL D 51 26.65 -11.19 -10.18
CA VAL D 51 27.07 -10.57 -11.42
C VAL D 51 28.60 -10.53 -11.45
N ASP D 52 29.19 -10.09 -10.34
CA ASP D 52 30.64 -10.01 -10.23
C ASP D 52 31.23 -11.41 -10.06
N TYR D 53 30.34 -12.39 -9.95
CA TYR D 53 30.73 -13.79 -9.80
C TYR D 53 30.83 -14.40 -11.20
N VAL D 54 29.90 -14.01 -12.07
CA VAL D 54 29.85 -14.51 -13.45
C VAL D 54 30.91 -13.81 -14.30
N GLU D 55 31.55 -12.80 -13.76
CA GLU D 55 32.59 -12.08 -14.48
C GLU D 55 33.96 -12.54 -14.01
#